data_8B90
#
_entry.id   8B90
#
_cell.length_a   59.732
_cell.length_b   85.562
_cell.length_c   120.382
_cell.angle_alpha   90.000
_cell.angle_beta   90.000
_cell.angle_gamma   90.000
#
_symmetry.space_group_name_H-M   'P 21 21 21'
#
loop_
_entity.id
_entity.type
_entity.pdbx_description
1 polymer 'Peroxisome proliferator-activated receptor gamma'
2 polymer 'Nuclear receptor corepressor 2'
3 non-polymer 5-chloranyl-~{N}3-phenyl-~{N}1-(phenylmethyl)benzene-1,3-dicarboxamide
4 water water
#
loop_
_entity_poly.entity_id
_entity_poly.type
_entity_poly.pdbx_seq_one_letter_code
_entity_poly.pdbx_strand_id
1 'polypeptide(L)'
;GSHMQLNPESADLRALAKHLYDSYIKSFPLTKAKARAILTGKTTDKSPFVIYDMNSLMMGEDKIKFKHITPLQEQSKEVA
IRIFQGCQFRSVEAVQEITEYAKSIPGFVNLDLNDQVTLLKYGVHEIIYTMLASLMNKDGVLISEGQGFMTREFLKSLRK
PFGDFMEPKFEFAVKFNALELDDSDLAIFIAVIILSGDRPGLLNVKPIEDIQDNLLQALELQLKLNHPESSQLFAKLLQK
MTDLRQIVTEHVQLLQVIKKTETDMSLHPLLQEIYKDLY
;
A,B
2 'polypeptide(L)' HASTNMGLEAIIRKALMGKYDQW C,D
#
# COMPACT_ATOMS: atom_id res chain seq x y z
N HIS A 3 -23.77 -14.91 -3.36
CA HIS A 3 -23.45 -15.83 -2.23
C HIS A 3 -22.32 -16.79 -2.64
N MET A 4 -21.72 -17.49 -1.68
CA MET A 4 -20.55 -18.37 -1.93
C MET A 4 -20.99 -19.83 -2.06
N GLN A 5 -20.42 -20.50 -3.04
CA GLN A 5 -20.76 -21.90 -3.41
C GLN A 5 -19.46 -22.69 -3.46
N LEU A 6 -19.53 -23.97 -3.13
CA LEU A 6 -18.37 -24.89 -3.19
C LEU A 6 -18.43 -25.59 -4.56
N ASN A 7 -17.72 -25.02 -5.54
CA ASN A 7 -17.78 -25.44 -6.95
C ASN A 7 -16.37 -25.76 -7.37
N PRO A 8 -16.18 -26.32 -8.59
CA PRO A 8 -14.86 -26.63 -9.13
C PRO A 8 -13.85 -25.49 -9.03
N GLU A 9 -14.33 -24.26 -9.24
CA GLU A 9 -13.46 -23.04 -9.19
C GLU A 9 -12.97 -22.80 -7.76
N SER A 10 -13.88 -22.78 -6.79
CA SER A 10 -13.52 -22.60 -5.35
C SER A 10 -12.59 -23.75 -4.93
N ALA A 11 -12.87 -24.99 -5.36
CA ALA A 11 -12.03 -26.16 -5.03
C ALA A 11 -10.62 -25.93 -5.57
N ASP A 12 -10.47 -25.40 -6.80
CA ASP A 12 -9.11 -25.20 -7.37
C ASP A 12 -8.38 -24.11 -6.57
N LEU A 13 -9.09 -23.09 -6.09
CA LEU A 13 -8.45 -22.01 -5.28
C LEU A 13 -8.00 -22.57 -3.93
N ARG A 14 -8.75 -23.53 -3.38
CA ARG A 14 -8.36 -24.23 -2.12
C ARG A 14 -7.14 -25.12 -2.33
N ALA A 15 -7.03 -25.82 -3.46
CA ALA A 15 -5.85 -26.68 -3.74
C ALA A 15 -4.66 -25.77 -3.97
N LEU A 16 -4.82 -24.63 -4.65
CA LEU A 16 -3.70 -23.65 -4.81
C LEU A 16 -3.26 -23.13 -3.43
N ALA A 17 -4.22 -22.75 -2.58
CA ALA A 17 -3.93 -22.30 -1.19
C ALA A 17 -3.13 -23.40 -0.46
N LYS A 18 -3.51 -24.67 -0.61
CA LYS A 18 -2.88 -25.79 0.15
C LYS A 18 -1.45 -26.00 -0.38
N HIS A 19 -1.28 -25.94 -1.70
CA HIS A 19 0.03 -26.08 -2.39
C HIS A 19 0.96 -24.98 -1.89
N LEU A 20 0.50 -23.74 -1.85
CA LEU A 20 1.36 -22.62 -1.35
C LEU A 20 1.70 -22.86 0.13
N TYR A 21 0.75 -23.30 0.96
CA TYR A 21 0.99 -23.56 2.41
C TYR A 21 2.11 -24.59 2.53
N ASP A 22 1.94 -25.72 1.83
CA ASP A 22 2.90 -26.86 1.88
C ASP A 22 4.27 -26.31 1.51
N SER A 23 4.37 -25.56 0.41
CA SER A 23 5.66 -25.04 -0.08
C SER A 23 6.21 -24.02 0.93
N TYR A 24 5.33 -23.22 1.52
CA TYR A 24 5.68 -22.23 2.56
C TYR A 24 6.39 -22.94 3.73
N ILE A 25 5.75 -23.97 4.27
CA ILE A 25 6.21 -24.82 5.42
C ILE A 25 7.58 -25.41 5.10
N LYS A 26 7.78 -25.79 3.85
CA LYS A 26 9.06 -26.34 3.34
C LYS A 26 10.13 -25.24 3.31
N SER A 27 9.84 -24.04 2.81
CA SER A 27 10.85 -23.00 2.54
C SER A 27 11.23 -22.23 3.81
N PHE A 28 10.34 -22.16 4.80
CA PHE A 28 10.53 -21.31 6.00
C PHE A 28 10.59 -22.22 7.21
N PRO A 29 11.80 -22.46 7.74
CA PRO A 29 12.00 -23.41 8.84
C PRO A 29 11.09 -23.04 10.03
N LEU A 30 11.06 -21.76 10.39
CA LEU A 30 10.30 -21.28 11.58
C LEU A 30 9.00 -20.59 11.13
N THR A 31 7.88 -21.27 11.35
CA THR A 31 6.52 -20.88 10.93
C THR A 31 5.94 -19.95 11.99
N LYS A 32 4.82 -19.27 11.69
CA LYS A 32 4.17 -18.42 12.70
C LYS A 32 3.61 -19.32 13.80
N ALA A 33 2.99 -20.46 13.49
CA ALA A 33 2.42 -21.37 14.54
C ALA A 33 3.50 -21.72 15.57
N LYS A 34 4.67 -22.12 15.09
CA LYS A 34 5.80 -22.51 15.98
C LYS A 34 6.27 -21.25 16.74
N ALA A 35 6.44 -20.11 16.04
CA ALA A 35 6.80 -18.82 16.65
C ALA A 35 5.85 -18.53 17.81
N ARG A 36 4.54 -18.58 17.60
CA ARG A 36 3.53 -18.20 18.62
C ARG A 36 3.59 -19.16 19.81
N ALA A 37 3.85 -20.45 19.57
CA ALA A 37 4.07 -21.47 20.63
C ALA A 37 5.28 -21.06 21.50
N ILE A 38 6.39 -20.67 20.88
CA ILE A 38 7.60 -20.24 21.64
C ILE A 38 7.27 -18.97 22.45
N LEU A 39 6.69 -17.96 21.80
CA LEU A 39 6.44 -16.63 22.44
C LEU A 39 5.42 -16.75 23.59
N THR A 40 4.54 -17.76 23.61
CA THR A 40 3.42 -17.87 24.58
C THR A 40 3.69 -18.97 25.59
N GLY A 41 4.91 -19.53 25.60
CA GLY A 41 5.26 -20.70 26.42
C GLY A 41 4.19 -21.77 26.31
N LYS A 42 3.80 -22.13 25.09
CA LYS A 42 2.82 -23.22 24.79
C LYS A 42 3.54 -24.27 23.94
N THR A 43 4.78 -24.58 24.31
CA THR A 43 5.65 -25.54 23.58
C THR A 43 6.46 -26.30 24.61
N THR A 44 6.87 -27.53 24.29
CA THR A 44 7.84 -28.35 25.04
C THR A 44 9.27 -28.03 24.57
N ASP A 45 9.41 -27.33 23.43
CA ASP A 45 10.71 -27.06 22.78
C ASP A 45 11.57 -26.21 23.73
N LYS A 46 12.89 -26.14 23.50
CA LYS A 46 13.86 -25.44 24.39
C LYS A 46 13.49 -23.96 24.48
N SER A 47 13.40 -23.42 25.71
CA SER A 47 13.02 -22.02 26.03
C SER A 47 14.13 -21.06 25.58
N PRO A 48 13.86 -20.10 24.67
CA PRO A 48 14.92 -19.20 24.19
C PRO A 48 15.55 -18.30 25.27
N PHE A 49 16.80 -17.92 25.03
CA PHE A 49 17.64 -17.06 25.89
C PHE A 49 17.23 -15.60 25.67
N VAL A 50 16.91 -14.86 26.74
CA VAL A 50 16.39 -13.46 26.62
C VAL A 50 17.55 -12.45 26.78
N ILE A 51 17.78 -11.66 25.74
CA ILE A 51 18.66 -10.46 25.77
C ILE A 51 17.76 -9.25 26.06
N TYR A 52 17.87 -8.71 27.28
CA TYR A 52 17.09 -7.54 27.73
C TYR A 52 18.02 -6.38 28.14
N ASP A 53 19.34 -6.58 28.19
CA ASP A 53 20.34 -5.55 28.63
C ASP A 53 21.72 -5.96 28.11
N MET A 54 22.74 -5.14 28.34
CA MET A 54 24.12 -5.34 27.82
C MET A 54 24.71 -6.62 28.42
N ASN A 55 24.47 -6.84 29.71
CA ASN A 55 25.00 -8.06 30.39
C ASN A 55 24.37 -9.29 29.74
N SER A 56 23.05 -9.36 29.58
CA SER A 56 22.37 -10.55 28.98
C SER A 56 22.78 -10.68 27.50
N LEU A 57 23.05 -9.58 26.79
CA LEU A 57 23.62 -9.73 25.42
C LEU A 57 24.96 -10.47 25.50
N MET A 58 25.86 -10.07 26.41
CA MET A 58 27.25 -10.60 26.44
C MET A 58 27.15 -12.11 26.70
N MET A 59 26.36 -12.54 27.68
CA MET A 59 26.11 -13.98 27.95
C MET A 59 25.47 -14.65 26.73
N GLY A 60 24.56 -13.94 26.06
CA GLY A 60 23.79 -14.46 24.93
C GLY A 60 24.68 -14.81 23.76
N GLU A 61 25.62 -13.93 23.39
CA GLU A 61 26.56 -14.18 22.27
C GLU A 61 27.33 -15.48 22.51
N ASP A 62 27.71 -15.73 23.76
CA ASP A 62 28.55 -16.88 24.17
C ASP A 62 27.70 -18.17 24.16
N LYS A 63 26.40 -18.05 24.45
CA LYS A 63 25.46 -19.19 24.69
C LYS A 63 24.25 -19.13 23.74
N ILE A 64 24.37 -18.49 22.56
CA ILE A 64 23.35 -18.55 21.46
C ILE A 64 23.92 -19.41 20.33
N LYS A 65 25.21 -19.25 20.00
CA LYS A 65 25.96 -20.09 19.03
C LYS A 65 25.42 -19.86 17.61
N PHE A 66 25.40 -18.60 17.17
CA PHE A 66 24.86 -18.14 15.86
C PHE A 66 25.55 -18.92 14.73
N GLN A 75 35.20 -8.99 13.11
CA GLN A 75 34.46 -9.10 14.39
C GLN A 75 34.55 -7.75 15.12
N SER A 76 33.61 -6.84 14.84
CA SER A 76 33.58 -5.44 15.36
C SER A 76 33.50 -5.50 16.88
N LYS A 77 34.17 -4.57 17.57
CA LYS A 77 34.21 -4.52 19.07
C LYS A 77 32.98 -3.77 19.58
N GLU A 78 32.14 -3.25 18.69
CA GLU A 78 30.85 -2.58 19.05
C GLU A 78 29.68 -3.57 19.00
N VAL A 79 29.01 -3.73 20.15
CA VAL A 79 27.80 -4.56 20.35
C VAL A 79 26.81 -4.21 19.25
N ALA A 80 26.55 -2.92 19.04
CA ALA A 80 25.52 -2.40 18.13
C ALA A 80 25.82 -2.89 16.71
N ILE A 81 27.07 -2.85 16.28
CA ILE A 81 27.45 -3.28 14.91
C ILE A 81 27.31 -4.80 14.81
N ARG A 82 27.72 -5.54 15.84
CA ARG A 82 27.67 -7.03 15.80
C ARG A 82 26.20 -7.49 15.64
N ILE A 83 25.28 -6.80 16.31
CA ILE A 83 23.81 -7.12 16.27
C ILE A 83 23.31 -6.90 14.84
N PHE A 84 23.55 -5.70 14.30
CA PHE A 84 23.15 -5.26 12.94
C PHE A 84 23.71 -6.24 11.89
N GLN A 85 24.94 -6.74 12.06
CA GLN A 85 25.58 -7.71 11.13
C GLN A 85 24.82 -9.03 11.14
N GLY A 86 24.51 -9.56 12.33
CA GLY A 86 23.63 -10.74 12.47
C GLY A 86 22.32 -10.51 11.73
N CYS A 87 21.69 -9.35 11.92
CA CYS A 87 20.41 -9.03 11.23
C CYS A 87 20.61 -9.08 9.71
N GLN A 88 21.71 -8.54 9.17
CA GLN A 88 21.94 -8.47 7.69
C GLN A 88 22.27 -9.87 7.17
N PHE A 89 23.05 -10.66 7.90
CA PHE A 89 23.33 -12.08 7.51
C PHE A 89 22.02 -12.86 7.46
N ARG A 90 21.12 -12.67 8.43
CA ARG A 90 19.84 -13.43 8.47
C ARG A 90 18.96 -13.03 7.27
N SER A 91 19.05 -11.77 6.80
CA SER A 91 18.23 -11.24 5.67
C SER A 91 18.68 -11.89 4.36
N VAL A 92 19.98 -12.16 4.19
CA VAL A 92 20.54 -12.88 3.01
C VAL A 92 19.91 -14.27 2.98
N GLU A 93 19.93 -14.93 4.14
CA GLU A 93 19.32 -16.26 4.31
C GLU A 93 17.83 -16.14 3.98
N ALA A 94 17.13 -15.10 4.45
CA ALA A 94 15.69 -14.91 4.20
C ALA A 94 15.45 -14.74 2.70
N VAL A 95 16.33 -14.03 1.99
CA VAL A 95 16.22 -13.84 0.51
C VAL A 95 16.21 -15.22 -0.16
N GLN A 96 17.05 -16.13 0.32
CA GLN A 96 17.24 -17.46 -0.29
C GLN A 96 15.99 -18.30 -0.04
N GLU A 97 15.46 -18.26 1.19
CA GLU A 97 14.22 -18.97 1.59
C GLU A 97 13.05 -18.43 0.74
N ILE A 98 12.96 -17.10 0.56
CA ILE A 98 11.84 -16.43 -0.17
C ILE A 98 11.94 -16.80 -1.67
N THR A 99 13.15 -16.78 -2.24
CA THR A 99 13.39 -17.18 -3.66
C THR A 99 12.92 -18.63 -3.87
N GLU A 100 13.28 -19.52 -2.94
CA GLU A 100 12.94 -20.96 -3.02
C GLU A 100 11.41 -21.06 -3.00
N TYR A 101 10.78 -20.26 -2.16
CA TYR A 101 9.30 -20.21 -2.07
C TYR A 101 8.72 -19.71 -3.40
N ALA A 102 9.26 -18.62 -3.94
CA ALA A 102 8.82 -18.04 -5.22
C ALA A 102 8.76 -19.10 -6.31
N LYS A 103 9.73 -20.02 -6.33
CA LYS A 103 9.82 -21.08 -7.39
C LYS A 103 8.62 -22.00 -7.29
N SER A 104 8.04 -22.17 -6.09
CA SER A 104 6.87 -23.08 -5.91
C SER A 104 5.57 -22.41 -6.41
N ILE A 105 5.54 -21.12 -6.70
CA ILE A 105 4.25 -20.46 -7.09
C ILE A 105 3.94 -20.83 -8.54
N PRO A 106 2.83 -21.53 -8.85
CA PRO A 106 2.51 -21.90 -10.24
C PRO A 106 2.61 -20.71 -11.20
N GLY A 107 3.44 -20.85 -12.23
CA GLY A 107 3.60 -19.87 -13.31
C GLY A 107 4.85 -19.04 -13.14
N PHE A 108 5.44 -18.99 -11.94
CA PHE A 108 6.56 -18.06 -11.62
C PHE A 108 7.86 -18.45 -12.33
N VAL A 109 8.27 -19.72 -12.28
CA VAL A 109 9.51 -20.16 -12.99
C VAL A 109 9.32 -20.09 -14.52
N ASN A 110 8.07 -19.95 -15.02
CA ASN A 110 7.75 -19.83 -16.47
C ASN A 110 7.92 -18.39 -16.98
N LEU A 111 8.08 -17.40 -16.10
CA LEU A 111 8.24 -15.97 -16.47
C LEU A 111 9.68 -15.74 -16.93
N ASP A 112 9.92 -14.73 -17.80
CA ASP A 112 11.28 -14.22 -18.13
C ASP A 112 12.12 -14.14 -16.86
N LEU A 113 13.22 -14.89 -16.81
CA LEU A 113 14.16 -14.93 -15.69
C LEU A 113 14.40 -13.51 -15.17
N ASN A 114 14.68 -12.55 -16.06
CA ASN A 114 14.94 -11.14 -15.66
C ASN A 114 13.76 -10.59 -14.86
N ASP A 115 12.53 -10.99 -15.22
CA ASP A 115 11.31 -10.56 -14.50
C ASP A 115 11.24 -11.29 -13.15
N GLN A 116 11.57 -12.58 -13.11
CA GLN A 116 11.68 -13.37 -11.86
C GLN A 116 12.57 -12.60 -10.89
N VAL A 117 13.75 -12.14 -11.34
CA VAL A 117 14.76 -11.40 -10.52
C VAL A 117 14.17 -10.08 -10.01
N THR A 118 13.46 -9.35 -10.88
CA THR A 118 12.94 -8.01 -10.57
C THR A 118 11.90 -8.12 -9.45
N LEU A 119 11.01 -9.09 -9.58
CA LEU A 119 9.94 -9.35 -8.58
C LEU A 119 10.60 -9.58 -7.21
N LEU A 120 11.54 -10.52 -7.14
CA LEU A 120 12.27 -10.87 -5.91
C LEU A 120 13.08 -9.69 -5.40
N LYS A 121 13.82 -9.02 -6.28
CA LYS A 121 14.67 -7.85 -5.94
C LYS A 121 13.82 -6.83 -5.15
N TYR A 122 12.58 -6.56 -5.59
CA TYR A 122 11.74 -5.48 -5.00
C TYR A 122 10.75 -6.04 -3.97
N GLY A 123 10.54 -7.36 -3.91
CA GLY A 123 9.61 -7.98 -2.95
C GLY A 123 10.23 -8.35 -1.62
N VAL A 124 11.51 -8.75 -1.59
CA VAL A 124 12.11 -9.50 -0.45
C VAL A 124 12.00 -8.67 0.84
N HIS A 125 12.35 -7.40 0.80
CA HIS A 125 12.27 -6.46 1.95
C HIS A 125 10.84 -6.45 2.51
N GLU A 126 9.83 -6.38 1.64
CA GLU A 126 8.41 -6.33 2.08
C GLU A 126 8.05 -7.65 2.78
N ILE A 127 8.47 -8.79 2.22
CA ILE A 127 8.20 -10.13 2.82
C ILE A 127 9.02 -10.31 4.10
N ILE A 128 10.22 -9.73 4.19
CA ILE A 128 11.03 -9.80 5.44
C ILE A 128 10.28 -9.08 6.58
N TYR A 129 9.69 -7.90 6.36
CA TYR A 129 8.90 -7.21 7.41
C TYR A 129 7.74 -8.10 7.84
N THR A 130 7.10 -8.78 6.88
CA THR A 130 5.95 -9.67 7.13
C THR A 130 6.38 -10.84 8.01
N MET A 131 7.46 -11.54 7.66
N MET A 131 7.45 -11.55 7.65
CA MET A 131 7.94 -12.74 8.39
CA MET A 131 7.91 -12.75 8.39
C MET A 131 8.52 -12.31 9.75
C MET A 131 8.46 -12.29 9.77
N LEU A 132 9.07 -11.11 9.87
CA LEU A 132 9.52 -10.54 11.18
C LEU A 132 8.31 -10.40 12.11
N ALA A 133 7.15 -9.94 11.66
CA ALA A 133 5.96 -9.80 12.54
C ALA A 133 5.62 -11.15 13.18
N SER A 134 5.77 -12.25 12.44
CA SER A 134 5.49 -13.63 12.92
C SER A 134 6.36 -13.95 14.14
N LEU A 135 7.55 -13.34 14.19
CA LEU A 135 8.60 -13.58 15.22
C LEU A 135 8.51 -12.55 16.35
N MET A 136 7.54 -11.65 16.33
CA MET A 136 7.50 -10.50 17.30
C MET A 136 6.25 -10.56 18.18
N ASN A 137 6.38 -10.11 19.43
CA ASN A 137 5.23 -9.72 20.28
C ASN A 137 5.55 -8.34 20.84
N LYS A 138 4.80 -7.84 21.82
CA LYS A 138 5.01 -6.45 22.30
C LYS A 138 6.39 -6.30 22.96
N ASP A 139 7.06 -7.37 23.38
CA ASP A 139 8.32 -7.37 24.19
C ASP A 139 9.57 -7.42 23.32
N GLY A 140 9.49 -7.96 22.10
CA GLY A 140 10.70 -8.20 21.29
C GLY A 140 10.49 -9.23 20.19
N VAL A 141 11.61 -9.76 19.70
CA VAL A 141 11.69 -10.57 18.46
C VAL A 141 12.55 -11.80 18.73
N LEU A 142 12.07 -12.95 18.29
CA LEU A 142 12.83 -14.23 18.26
C LEU A 142 13.95 -14.09 17.23
N ILE A 143 15.18 -14.48 17.61
CA ILE A 143 16.37 -14.47 16.71
C ILE A 143 17.00 -15.88 16.71
N SER A 144 17.94 -16.12 15.81
CA SER A 144 18.76 -17.36 15.78
C SER A 144 17.81 -18.55 15.72
N GLU A 145 16.95 -18.54 14.71
CA GLU A 145 15.84 -19.53 14.56
C GLU A 145 15.30 -19.89 15.94
N GLY A 146 14.89 -18.90 16.74
CA GLY A 146 14.10 -19.12 17.97
C GLY A 146 14.93 -19.59 19.17
N GLN A 147 16.25 -19.57 19.08
CA GLN A 147 17.18 -19.83 20.22
C GLN A 147 17.26 -18.58 21.12
N GLY A 148 17.17 -17.39 20.51
CA GLY A 148 17.24 -16.09 21.19
C GLY A 148 15.95 -15.28 21.11
N PHE A 149 15.82 -14.34 22.04
CA PHE A 149 14.77 -13.31 22.12
C PHE A 149 15.38 -11.99 22.57
N MET A 150 15.22 -10.96 21.75
CA MET A 150 15.86 -9.66 21.97
C MET A 150 14.74 -8.64 22.14
N THR A 151 14.76 -7.89 23.24
CA THR A 151 13.62 -7.01 23.60
C THR A 151 13.64 -5.81 22.68
N ARG A 152 12.44 -5.26 22.45
CA ARG A 152 12.27 -4.04 21.65
C ARG A 152 13.03 -2.91 22.31
N GLU A 153 12.94 -2.78 23.63
CA GLU A 153 13.54 -1.61 24.33
C GLU A 153 15.06 -1.74 24.32
N PHE A 154 15.63 -2.94 24.38
CA PHE A 154 17.11 -3.07 24.30
C PHE A 154 17.60 -2.63 22.91
N LEU A 155 16.98 -3.12 21.84
CA LEU A 155 17.35 -2.72 20.46
C LEU A 155 17.28 -1.19 20.34
N LYS A 156 16.22 -0.60 20.91
CA LYS A 156 15.93 0.85 20.89
C LYS A 156 17.03 1.61 21.65
N SER A 157 17.67 1.00 22.65
CA SER A 157 18.74 1.63 23.46
C SER A 157 20.08 1.66 22.70
N LEU A 158 20.23 0.97 21.58
CA LEU A 158 21.53 0.95 20.84
C LEU A 158 21.83 2.37 20.35
N ARG A 159 23.11 2.74 20.29
CA ARG A 159 23.54 4.10 19.83
C ARG A 159 22.99 4.36 18.42
N LYS A 160 22.77 5.63 18.09
CA LYS A 160 22.45 6.12 16.72
C LYS A 160 23.53 5.62 15.76
N PRO A 161 23.20 5.19 14.53
CA PRO A 161 21.84 5.10 14.02
C PRO A 161 21.19 3.72 14.16
N PHE A 162 21.73 2.85 15.00
CA PHE A 162 21.28 1.44 15.14
C PHE A 162 20.03 1.37 16.01
N GLY A 163 19.89 2.29 16.98
CA GLY A 163 18.74 2.41 17.90
C GLY A 163 17.39 2.42 17.18
N ASP A 164 17.31 2.94 15.96
CA ASP A 164 16.00 3.15 15.28
C ASP A 164 15.82 2.11 14.17
N PHE A 165 16.75 1.18 14.00
CA PHE A 165 16.77 0.25 12.83
C PHE A 165 15.51 -0.64 12.91
N MET A 166 15.23 -1.21 14.08
CA MET A 166 14.14 -2.21 14.23
C MET A 166 12.82 -1.55 14.62
N GLU A 167 12.80 -0.29 15.07
CA GLU A 167 11.54 0.35 15.55
C GLU A 167 10.42 0.26 14.50
N PRO A 168 10.62 0.60 13.21
CA PRO A 168 9.51 0.60 12.25
C PRO A 168 8.98 -0.81 11.98
N LYS A 169 9.81 -1.85 12.14
CA LYS A 169 9.38 -3.26 12.00
C LYS A 169 8.45 -3.62 13.15
N PHE A 170 8.82 -3.19 14.36
CA PHE A 170 7.98 -3.43 15.56
C PHE A 170 6.65 -2.69 15.35
N GLU A 171 6.69 -1.42 14.91
CA GLU A 171 5.47 -0.59 14.69
C GLU A 171 4.55 -1.31 13.69
N PHE A 172 5.09 -1.74 12.57
CA PHE A 172 4.31 -2.52 11.57
C PHE A 172 3.73 -3.79 12.22
N ALA A 173 4.56 -4.55 12.96
CA ALA A 173 4.19 -5.87 13.51
C ALA A 173 3.04 -5.75 14.52
N VAL A 174 3.05 -4.75 15.40
CA VAL A 174 1.99 -4.54 16.42
C VAL A 174 0.64 -4.50 15.70
N LYS A 175 0.51 -3.71 14.65
CA LYS A 175 -0.81 -3.56 13.94
C LYS A 175 -1.06 -4.78 13.03
N PHE A 176 -0.02 -5.38 12.47
CA PHE A 176 -0.19 -6.51 11.52
C PHE A 176 -0.65 -7.75 12.29
N ASN A 177 0.02 -8.03 13.41
CA ASN A 177 -0.30 -9.14 14.35
C ASN A 177 -1.71 -9.02 14.91
N ALA A 178 -2.22 -7.81 15.16
CA ALA A 178 -3.61 -7.60 15.62
C ALA A 178 -4.62 -8.22 14.63
N LEU A 179 -4.28 -8.44 13.36
CA LEU A 179 -5.19 -9.02 12.35
C LEU A 179 -5.29 -10.54 12.54
N GLU A 180 -4.36 -11.14 13.29
CA GLU A 180 -4.31 -12.58 13.69
C GLU A 180 -4.28 -13.48 12.44
N LEU A 181 -3.41 -13.18 11.47
CA LEU A 181 -3.26 -14.08 10.31
C LEU A 181 -2.53 -15.34 10.79
N ASP A 182 -2.78 -16.46 10.12
CA ASP A 182 -2.01 -17.71 10.35
C ASP A 182 -1.18 -18.01 9.11
N ASP A 183 -0.46 -19.12 9.16
CA ASP A 183 0.48 -19.55 8.11
C ASP A 183 -0.26 -19.77 6.78
N SER A 184 -1.48 -20.29 6.83
CA SER A 184 -2.31 -20.50 5.60
C SER A 184 -2.64 -19.15 4.93
N ASP A 185 -2.93 -18.10 5.71
CA ASP A 185 -3.21 -16.74 5.17
C ASP A 185 -1.91 -16.17 4.62
N LEU A 186 -0.81 -16.30 5.36
CA LEU A 186 0.49 -15.63 5.06
C LEU A 186 1.09 -16.20 3.79
N ALA A 187 0.93 -17.50 3.55
CA ALA A 187 1.55 -18.16 2.37
C ALA A 187 1.01 -17.44 1.14
N ILE A 188 -0.30 -17.26 1.06
CA ILE A 188 -0.95 -16.62 -0.12
C ILE A 188 -0.60 -15.12 -0.11
N PHE A 189 -0.70 -14.46 1.03
CA PHE A 189 -0.35 -13.02 1.16
C PHE A 189 1.03 -12.74 0.54
N ILE A 190 2.03 -13.56 0.89
CA ILE A 190 3.44 -13.35 0.46
C ILE A 190 3.53 -13.58 -1.07
N ALA A 191 2.84 -14.60 -1.59
CA ALA A 191 2.73 -14.86 -3.05
C ALA A 191 2.10 -13.65 -3.77
N VAL A 192 1.05 -13.03 -3.21
CA VAL A 192 0.43 -11.82 -3.83
C VAL A 192 1.51 -10.74 -3.90
N ILE A 193 2.29 -10.55 -2.84
CA ILE A 193 3.33 -9.48 -2.83
C ILE A 193 4.36 -9.75 -3.97
N ILE A 194 4.83 -10.98 -4.08
CA ILE A 194 5.93 -11.30 -5.04
C ILE A 194 5.42 -11.00 -6.46
N LEU A 195 4.16 -11.32 -6.77
CA LEU A 195 3.63 -11.16 -8.15
C LEU A 195 2.99 -9.79 -8.34
N SER A 196 3.74 -8.74 -8.02
CA SER A 196 3.30 -7.32 -8.12
C SER A 196 3.72 -6.80 -9.52
N GLY A 197 2.74 -6.54 -10.39
CA GLY A 197 2.95 -6.16 -11.80
C GLY A 197 3.54 -4.77 -11.93
N ASP A 198 3.62 -4.00 -10.85
CA ASP A 198 4.02 -2.56 -10.92
C ASP A 198 5.47 -2.39 -10.46
N ARG A 199 6.24 -3.44 -10.27
CA ARG A 199 7.67 -3.27 -9.92
C ARG A 199 8.36 -2.55 -11.08
N PRO A 200 9.30 -1.63 -10.81
CA PRO A 200 10.00 -0.93 -11.89
C PRO A 200 10.86 -1.91 -12.73
N GLY A 201 10.86 -1.75 -14.06
CA GLY A 201 11.76 -2.46 -14.97
C GLY A 201 11.25 -3.80 -15.43
N LEU A 202 10.01 -4.18 -15.13
CA LEU A 202 9.44 -5.46 -15.61
C LEU A 202 9.29 -5.40 -17.15
N LEU A 203 9.58 -6.49 -17.85
CA LEU A 203 9.46 -6.59 -19.34
C LEU A 203 8.02 -6.94 -19.72
N ASN A 204 7.46 -7.97 -19.11
CA ASN A 204 6.19 -8.59 -19.54
C ASN A 204 5.26 -8.62 -18.32
N VAL A 205 4.47 -7.55 -18.18
CA VAL A 205 3.60 -7.23 -17.02
C VAL A 205 2.39 -8.18 -17.01
N LYS A 206 1.67 -8.31 -18.12
CA LYS A 206 0.35 -9.01 -18.16
C LYS A 206 0.47 -10.40 -17.54
N PRO A 207 1.45 -11.24 -17.92
CA PRO A 207 1.54 -12.57 -17.35
C PRO A 207 1.69 -12.56 -15.81
N ILE A 208 2.34 -11.53 -15.25
CA ILE A 208 2.50 -11.35 -13.78
C ILE A 208 1.13 -11.00 -13.17
N GLU A 209 0.42 -10.04 -13.76
CA GLU A 209 -0.94 -9.66 -13.31
C GLU A 209 -1.87 -10.88 -13.41
N ASP A 210 -1.67 -11.76 -14.40
CA ASP A 210 -2.56 -12.94 -14.59
C ASP A 210 -2.39 -13.91 -13.42
N ILE A 211 -1.15 -14.19 -13.02
CA ILE A 211 -0.87 -15.06 -11.85
C ILE A 211 -1.41 -14.37 -10.59
N GLN A 212 -1.14 -13.07 -10.46
CA GLN A 212 -1.56 -12.24 -9.28
C GLN A 212 -3.08 -12.30 -9.13
N ASP A 213 -3.82 -12.15 -10.24
N ASP A 213 -3.83 -12.18 -10.24
CA ASP A 213 -5.32 -12.19 -10.23
CA ASP A 213 -5.31 -12.16 -10.22
C ASP A 213 -5.74 -13.48 -9.55
C ASP A 213 -5.77 -13.48 -9.58
N ASN A 214 -5.17 -14.61 -9.97
CA ASN A 214 -5.44 -15.96 -9.39
C ASN A 214 -5.07 -16.04 -7.90
N LEU A 215 -3.86 -15.58 -7.54
CA LEU A 215 -3.45 -15.48 -6.11
C LEU A 215 -4.43 -14.56 -5.32
N LEU A 216 -4.90 -13.44 -5.89
CA LEU A 216 -5.84 -12.53 -5.18
C LEU A 216 -7.17 -13.25 -4.95
N GLN A 217 -7.67 -13.99 -5.94
CA GLN A 217 -8.91 -14.80 -5.75
C GLN A 217 -8.69 -15.82 -4.65
N ALA A 218 -7.55 -16.49 -4.64
CA ALA A 218 -7.22 -17.52 -3.62
C ALA A 218 -7.13 -16.85 -2.24
N LEU A 219 -6.52 -15.66 -2.17
CA LEU A 219 -6.33 -14.96 -0.87
C LEU A 219 -7.70 -14.57 -0.35
N GLU A 220 -8.54 -14.00 -1.20
CA GLU A 220 -9.88 -13.53 -0.79
C GLU A 220 -10.67 -14.71 -0.20
N LEU A 221 -10.70 -15.85 -0.89
CA LEU A 221 -11.39 -17.07 -0.41
C LEU A 221 -10.80 -17.54 0.92
N GLN A 222 -9.47 -17.68 0.99
CA GLN A 222 -8.78 -18.07 2.26
C GLN A 222 -9.31 -17.20 3.40
N LEU A 223 -9.37 -15.87 3.21
CA LEU A 223 -9.67 -14.95 4.34
C LEU A 223 -11.15 -15.06 4.73
N LYS A 224 -12.07 -15.23 3.77
CA LYS A 224 -13.51 -15.46 4.04
C LYS A 224 -13.70 -16.76 4.83
N LEU A 225 -13.04 -17.85 4.43
CA LEU A 225 -13.21 -19.15 5.10
C LEU A 225 -12.56 -19.12 6.48
N ASN A 226 -11.46 -18.39 6.63
CA ASN A 226 -10.59 -18.53 7.81
C ASN A 226 -10.92 -17.44 8.84
N HIS A 227 -11.62 -16.34 8.47
CA HIS A 227 -11.78 -15.16 9.37
C HIS A 227 -13.20 -14.63 9.34
N PRO A 228 -14.12 -15.32 10.05
CA PRO A 228 -15.52 -14.89 10.09
C PRO A 228 -15.67 -13.60 10.90
N GLU A 229 -14.63 -13.17 11.63
CA GLU A 229 -14.65 -11.95 12.50
C GLU A 229 -14.45 -10.67 11.69
N SER A 230 -13.89 -10.68 10.48
CA SER A 230 -13.63 -9.43 9.71
C SER A 230 -14.00 -9.65 8.25
N SER A 231 -15.10 -9.06 7.81
CA SER A 231 -15.68 -9.32 6.47
C SER A 231 -14.84 -8.57 5.44
N GLN A 232 -14.04 -7.58 5.86
CA GLN A 232 -13.17 -6.80 4.96
C GLN A 232 -11.69 -7.02 5.31
N LEU A 233 -11.32 -8.21 5.79
CA LEU A 233 -9.90 -8.51 6.05
C LEU A 233 -9.12 -8.46 4.71
N PHE A 234 -9.73 -8.89 3.62
CA PHE A 234 -9.04 -8.89 2.29
C PHE A 234 -8.59 -7.47 1.97
N ALA A 235 -9.51 -6.51 1.98
CA ALA A 235 -9.24 -5.08 1.77
C ALA A 235 -8.15 -4.62 2.75
N LYS A 236 -8.25 -4.96 4.03
CA LYS A 236 -7.23 -4.51 5.04
C LYS A 236 -5.85 -5.06 4.66
N LEU A 237 -5.73 -6.31 4.19
CA LEU A 237 -4.42 -6.88 3.79
C LEU A 237 -3.84 -6.13 2.59
N LEU A 238 -4.66 -5.77 1.60
CA LEU A 238 -4.17 -5.01 0.43
C LEU A 238 -3.66 -3.65 0.94
N GLN A 239 -4.29 -3.05 1.97
CA GLN A 239 -3.85 -1.76 2.55
C GLN A 239 -2.47 -1.97 3.21
N LYS A 240 -2.22 -3.13 3.82
CA LYS A 240 -0.86 -3.42 4.39
C LYS A 240 0.20 -3.49 3.29
N MET A 241 -0.07 -4.11 2.14
CA MET A 241 0.90 -4.22 1.01
C MET A 241 1.25 -2.79 0.60
N THR A 242 0.24 -1.90 0.63
CA THR A 242 0.39 -0.46 0.34
C THR A 242 1.27 0.17 1.41
N ASP A 243 1.03 -0.10 2.69
CA ASP A 243 1.85 0.43 3.81
C ASP A 243 3.29 -0.02 3.60
N LEU A 244 3.51 -1.33 3.37
CA LEU A 244 4.85 -1.94 3.27
C LEU A 244 5.74 -1.20 2.25
N ARG A 245 5.18 -0.65 1.15
CA ARG A 245 5.90 0.06 0.05
C ARG A 245 6.69 1.26 0.59
N GLN A 246 6.02 2.18 1.29
CA GLN A 246 6.68 3.37 1.87
C GLN A 246 7.57 2.96 3.05
N ILE A 247 7.20 1.91 3.80
CA ILE A 247 7.97 1.39 4.97
C ILE A 247 9.34 0.89 4.47
N VAL A 248 9.36 0.16 3.37
CA VAL A 248 10.63 -0.36 2.79
C VAL A 248 11.45 0.83 2.26
N THR A 249 10.79 1.90 1.79
CA THR A 249 11.43 3.14 1.26
C THR A 249 12.33 3.71 2.37
N GLU A 250 11.72 4.01 3.53
CA GLU A 250 12.38 4.46 4.80
C GLU A 250 13.50 3.49 5.23
N HIS A 251 13.27 2.17 5.18
CA HIS A 251 14.26 1.13 5.56
C HIS A 251 15.50 1.25 4.66
N VAL A 252 15.33 1.11 3.34
CA VAL A 252 16.40 1.27 2.32
C VAL A 252 17.10 2.63 2.50
N GLN A 253 16.36 3.69 2.81
CA GLN A 253 16.94 5.02 3.09
C GLN A 253 17.97 4.91 4.24
N LEU A 254 17.58 4.32 5.38
CA LEU A 254 18.43 4.20 6.60
C LEU A 254 19.59 3.24 6.32
N LEU A 255 19.41 2.22 5.47
CA LEU A 255 20.48 1.23 5.14
C LEU A 255 21.64 1.99 4.46
N GLN A 256 21.32 3.08 3.76
CA GLN A 256 22.31 3.98 3.10
C GLN A 256 23.06 4.77 4.18
N VAL A 257 22.34 5.63 4.92
CA VAL A 257 22.87 6.49 6.02
C VAL A 257 23.89 5.68 6.84
N ILE A 258 23.58 4.40 7.11
CA ILE A 258 24.52 3.45 7.81
C ILE A 258 25.74 3.24 6.91
N LYS A 259 25.54 2.61 5.74
CA LYS A 259 26.59 2.28 4.73
C LYS A 259 27.66 3.38 4.65
N LYS A 260 27.25 4.65 4.50
CA LYS A 260 28.17 5.80 4.26
C LYS A 260 28.57 6.48 5.58
N THR A 261 28.21 5.92 6.74
CA THR A 261 28.55 6.50 8.08
C THR A 261 29.23 5.44 9.00
N GLU A 262 29.22 4.15 8.61
CA GLU A 262 29.72 3.02 9.43
C GLU A 262 30.46 2.01 8.55
N THR A 263 31.71 1.69 8.86
CA THR A 263 32.52 0.66 8.15
C THR A 263 33.60 0.11 9.10
N HIS A 268 29.10 -11.04 4.18
CA HIS A 268 28.47 -12.40 4.20
C HIS A 268 29.20 -13.32 3.22
N PRO A 269 29.58 -14.55 3.68
CA PRO A 269 30.45 -15.43 2.89
C PRO A 269 29.95 -15.81 1.48
N LEU A 270 28.64 -15.71 1.21
CA LEU A 270 28.06 -16.06 -0.12
C LEU A 270 28.24 -14.90 -1.11
N LEU A 271 28.41 -13.66 -0.65
CA LEU A 271 28.80 -12.51 -1.51
C LEU A 271 30.30 -12.64 -1.90
N GLN A 272 31.17 -13.03 -0.95
CA GLN A 272 32.64 -13.19 -1.18
C GLN A 272 32.89 -14.30 -2.22
N GLU A 273 32.16 -15.43 -2.14
CA GLU A 273 32.25 -16.55 -3.11
C GLU A 273 31.88 -16.07 -4.52
N GLN B 5 -33.75 -10.66 -4.42
CA GLN B 5 -32.37 -11.22 -4.46
C GLN B 5 -31.57 -10.64 -3.28
N LEU B 6 -31.32 -9.33 -3.29
CA LEU B 6 -30.52 -8.62 -2.25
C LEU B 6 -31.29 -8.71 -0.92
N ASN B 7 -30.64 -9.22 0.14
CA ASN B 7 -31.17 -9.26 1.53
C ASN B 7 -31.11 -7.84 2.10
N PRO B 8 -31.66 -7.55 3.31
CA PRO B 8 -31.68 -6.18 3.84
C PRO B 8 -30.28 -5.62 4.12
N GLU B 9 -29.28 -6.50 4.29
CA GLU B 9 -27.84 -6.13 4.39
C GLU B 9 -27.40 -5.49 3.07
N SER B 10 -27.56 -6.19 1.94
CA SER B 10 -27.30 -5.70 0.57
C SER B 10 -28.14 -4.45 0.26
N ALA B 11 -29.44 -4.49 0.51
CA ALA B 11 -30.36 -3.35 0.30
C ALA B 11 -29.71 -2.11 0.92
N ASP B 12 -29.30 -2.21 2.19
CA ASP B 12 -28.68 -1.10 2.96
C ASP B 12 -27.40 -0.63 2.24
N LEU B 13 -26.53 -1.54 1.79
CA LEU B 13 -25.28 -1.16 1.10
C LEU B 13 -25.61 -0.45 -0.23
N ARG B 14 -26.68 -0.85 -0.92
CA ARG B 14 -27.14 -0.20 -2.18
C ARG B 14 -27.64 1.21 -1.86
N ALA B 15 -28.42 1.36 -0.80
CA ALA B 15 -28.94 2.67 -0.35
C ALA B 15 -27.77 3.56 0.09
N LEU B 16 -26.74 3.00 0.75
CA LEU B 16 -25.54 3.77 1.14
C LEU B 16 -24.84 4.27 -0.14
N ALA B 17 -24.74 3.43 -1.16
CA ALA B 17 -24.07 3.79 -2.43
C ALA B 17 -24.80 4.97 -3.08
N LYS B 18 -26.13 4.90 -3.13
CA LYS B 18 -27.00 5.90 -3.82
C LYS B 18 -26.93 7.21 -3.01
N HIS B 19 -26.93 7.15 -1.69
CA HIS B 19 -26.75 8.34 -0.82
C HIS B 19 -25.45 9.05 -1.21
N LEU B 20 -24.34 8.33 -1.26
CA LEU B 20 -23.00 8.89 -1.56
C LEU B 20 -22.99 9.41 -3.01
N TYR B 21 -23.58 8.71 -3.97
CA TYR B 21 -23.65 9.19 -5.36
C TYR B 21 -24.38 10.54 -5.37
N ASP B 22 -25.55 10.64 -4.71
CA ASP B 22 -26.35 11.90 -4.69
C ASP B 22 -25.53 13.04 -4.09
N SER B 23 -24.79 12.75 -3.03
CA SER B 23 -24.00 13.79 -2.32
C SER B 23 -22.82 14.22 -3.21
N TYR B 24 -22.20 13.28 -3.90
CA TYR B 24 -21.05 13.48 -4.81
C TYR B 24 -21.47 14.40 -5.98
N ILE B 25 -22.61 14.11 -6.62
CA ILE B 25 -23.21 14.96 -7.70
C ILE B 25 -23.34 16.41 -7.23
N LYS B 26 -23.78 16.62 -5.98
CA LYS B 26 -24.00 17.94 -5.34
C LYS B 26 -22.67 18.62 -5.02
N SER B 27 -21.66 17.89 -4.52
CA SER B 27 -20.41 18.51 -4.00
C SER B 27 -19.48 18.87 -5.16
N PHE B 28 -19.48 18.10 -6.24
CA PHE B 28 -18.48 18.15 -7.35
C PHE B 28 -19.19 18.46 -8.65
N PRO B 29 -19.11 19.71 -9.14
CA PRO B 29 -19.96 20.17 -10.24
C PRO B 29 -19.54 19.50 -11.55
N LEU B 30 -18.24 19.27 -11.74
CA LEU B 30 -17.73 18.61 -12.98
C LEU B 30 -17.42 17.14 -12.66
N THR B 31 -18.39 16.28 -12.97
CA THR B 31 -18.35 14.81 -12.81
C THR B 31 -17.51 14.20 -13.93
N LYS B 32 -17.19 12.91 -13.79
CA LYS B 32 -16.49 12.17 -14.85
C LYS B 32 -17.39 12.06 -16.10
N ALA B 33 -18.67 11.71 -15.96
CA ALA B 33 -19.60 11.62 -17.13
C ALA B 33 -19.51 12.92 -17.95
N LYS B 34 -19.60 14.08 -17.32
CA LYS B 34 -19.54 15.39 -18.04
C LYS B 34 -18.17 15.55 -18.72
N ALA B 35 -17.08 15.18 -18.04
CA ALA B 35 -15.71 15.37 -18.54
C ALA B 35 -15.49 14.44 -19.73
N ARG B 36 -15.94 13.19 -19.60
CA ARG B 36 -15.80 12.16 -20.67
C ARG B 36 -16.57 12.63 -21.91
N ALA B 37 -17.74 13.26 -21.72
CA ALA B 37 -18.58 13.77 -22.81
C ALA B 37 -17.78 14.85 -23.54
N ILE B 38 -17.36 15.87 -22.80
CA ILE B 38 -16.54 16.99 -23.35
C ILE B 38 -15.33 16.39 -24.09
N LEU B 39 -14.51 15.57 -23.41
CA LEU B 39 -13.23 15.01 -23.95
C LEU B 39 -13.45 14.19 -25.24
N THR B 40 -14.67 13.77 -25.56
CA THR B 40 -14.99 12.96 -26.78
C THR B 40 -16.00 13.66 -27.69
N GLY B 41 -16.87 14.53 -27.17
CA GLY B 41 -17.97 15.19 -27.91
C GLY B 41 -19.31 14.53 -27.60
N SER B 47 -17.26 23.47 -27.31
CA SER B 47 -16.08 22.58 -27.18
C SER B 47 -14.96 23.34 -26.48
N PRO B 48 -14.05 22.65 -25.74
CA PRO B 48 -13.04 23.35 -24.93
C PRO B 48 -11.98 24.06 -25.78
N PHE B 49 -11.48 25.21 -25.30
CA PHE B 49 -10.31 25.92 -25.88
C PHE B 49 -9.01 25.18 -25.54
N VAL B 50 -8.19 24.88 -26.55
CA VAL B 50 -6.98 24.02 -26.44
C VAL B 50 -5.75 24.91 -26.30
N ILE B 51 -5.04 24.79 -25.18
CA ILE B 51 -3.72 25.46 -24.94
C ILE B 51 -2.63 24.40 -25.17
N TYR B 52 -1.84 24.57 -26.26
CA TYR B 52 -0.75 23.65 -26.68
C TYR B 52 0.57 24.41 -26.82
N ASP B 53 0.60 25.73 -26.59
CA ASP B 53 1.81 26.60 -26.63
C ASP B 53 1.51 27.96 -25.99
N MET B 54 2.53 28.83 -25.91
CA MET B 54 2.50 30.16 -25.24
C MET B 54 1.53 31.10 -25.97
N ASN B 55 1.46 31.00 -27.30
CA ASN B 55 0.47 31.73 -28.14
C ASN B 55 -0.94 31.35 -27.66
N SER B 56 -1.32 30.07 -27.81
CA SER B 56 -2.68 29.58 -27.46
C SER B 56 -2.98 29.87 -25.98
N LEU B 57 -1.95 29.93 -25.12
CA LEU B 57 -2.13 30.27 -23.69
C LEU B 57 -2.65 31.71 -23.55
N MET B 58 -2.02 32.66 -24.24
CA MET B 58 -2.40 34.10 -24.19
C MET B 58 -3.77 34.25 -24.85
N MET B 59 -3.97 33.60 -26.00
CA MET B 59 -5.27 33.50 -26.71
C MET B 59 -6.31 32.83 -25.80
N GLY B 60 -5.89 31.85 -24.97
CA GLY B 60 -6.75 31.10 -24.06
C GLY B 60 -7.13 31.92 -22.82
N GLU B 61 -6.17 32.68 -22.28
CA GLU B 61 -6.41 33.63 -21.16
C GLU B 61 -7.41 34.71 -21.61
N ASP B 62 -8.07 34.54 -22.75
CA ASP B 62 -9.19 35.39 -23.25
C ASP B 62 -9.90 34.67 -24.41
N LYS B 77 4.67 36.44 -11.77
CA LYS B 77 3.82 36.57 -12.99
C LYS B 77 4.63 36.20 -14.25
N GLU B 78 5.48 35.18 -14.13
CA GLU B 78 6.07 34.40 -15.26
C GLU B 78 5.10 33.24 -15.56
N VAL B 79 5.01 32.80 -16.82
CA VAL B 79 3.98 31.81 -17.30
C VAL B 79 3.94 30.59 -16.37
N ALA B 80 5.02 29.83 -16.27
CA ALA B 80 5.14 28.61 -15.43
C ALA B 80 4.49 28.86 -14.07
N ILE B 81 4.84 29.98 -13.42
CA ILE B 81 4.47 30.30 -12.01
C ILE B 81 3.00 30.71 -11.99
N ARG B 82 2.49 31.31 -13.06
CA ARG B 82 1.06 31.70 -13.13
C ARG B 82 0.21 30.42 -13.20
N ILE B 83 0.65 29.42 -13.96
CA ILE B 83 -0.10 28.14 -14.17
C ILE B 83 -0.12 27.36 -12.85
N PHE B 84 1.03 27.20 -12.21
CA PHE B 84 1.15 26.61 -10.85
C PHE B 84 0.17 27.30 -9.90
N GLN B 85 0.27 28.62 -9.76
CA GLN B 85 -0.58 29.43 -8.84
C GLN B 85 -2.06 29.11 -9.13
N GLY B 86 -2.43 29.06 -10.41
CA GLY B 86 -3.78 28.65 -10.87
C GLY B 86 -4.14 27.27 -10.37
N CYS B 87 -3.27 26.29 -10.61
CA CYS B 87 -3.45 24.90 -10.11
C CYS B 87 -3.68 24.93 -8.60
N GLN B 88 -2.93 25.78 -7.87
CA GLN B 88 -2.96 25.90 -6.39
C GLN B 88 -4.32 26.44 -5.92
N PHE B 89 -4.81 27.53 -6.52
CA PHE B 89 -6.11 28.14 -6.14
C PHE B 89 -7.23 27.13 -6.41
N ARG B 90 -7.21 26.46 -7.56
CA ARG B 90 -8.18 25.38 -7.92
C ARG B 90 -8.21 24.32 -6.81
N SER B 91 -7.05 23.92 -6.29
CA SER B 91 -6.92 22.79 -5.35
C SER B 91 -7.51 23.21 -4.00
N VAL B 92 -7.41 24.49 -3.63
CA VAL B 92 -8.08 25.06 -2.42
C VAL B 92 -9.59 24.84 -2.52
N GLU B 93 -10.16 25.14 -3.69
CA GLU B 93 -11.62 25.01 -3.94
C GLU B 93 -11.98 23.52 -3.82
N ALA B 94 -11.11 22.64 -4.33
CA ALA B 94 -11.29 21.17 -4.32
C ALA B 94 -11.33 20.67 -2.86
N VAL B 95 -10.48 21.22 -1.99
CA VAL B 95 -10.44 20.90 -0.53
C VAL B 95 -11.81 21.18 0.10
N GLN B 96 -12.44 22.30 -0.26
CA GLN B 96 -13.77 22.72 0.27
C GLN B 96 -14.85 21.78 -0.28
N GLU B 97 -14.81 21.47 -1.56
CA GLU B 97 -15.73 20.47 -2.18
C GLU B 97 -15.59 19.14 -1.42
N ILE B 98 -14.37 18.63 -1.23
CA ILE B 98 -14.10 17.29 -0.60
C ILE B 98 -14.60 17.35 0.84
N THR B 99 -14.35 18.46 1.55
CA THR B 99 -14.80 18.67 2.95
C THR B 99 -16.33 18.62 3.01
N GLU B 100 -17.02 19.30 2.08
CA GLU B 100 -18.52 19.29 2.08
C GLU B 100 -19.01 17.85 1.83
N TYR B 101 -18.39 17.15 0.88
CA TYR B 101 -18.73 15.74 0.58
C TYR B 101 -18.60 14.90 1.86
N ALA B 102 -17.50 15.05 2.60
CA ALA B 102 -17.18 14.23 3.79
C ALA B 102 -18.30 14.33 4.81
N LYS B 103 -18.93 15.51 4.89
CA LYS B 103 -20.01 15.80 5.87
C LYS B 103 -21.20 14.92 5.54
N SER B 104 -21.35 14.47 4.29
CA SER B 104 -22.49 13.60 3.86
C SER B 104 -22.23 12.12 4.14
N ILE B 105 -21.01 11.70 4.50
CA ILE B 105 -20.72 10.26 4.76
C ILE B 105 -21.29 9.93 6.14
N PRO B 106 -22.20 8.96 6.26
CA PRO B 106 -22.80 8.63 7.56
C PRO B 106 -21.72 8.25 8.59
N GLY B 107 -21.76 8.90 9.77
CA GLY B 107 -20.85 8.66 10.90
C GLY B 107 -19.72 9.69 10.95
N PHE B 108 -19.38 10.33 9.83
CA PHE B 108 -18.17 11.18 9.75
C PHE B 108 -18.29 12.38 10.71
N VAL B 109 -19.39 13.15 10.69
CA VAL B 109 -19.51 14.36 11.57
C VAL B 109 -19.73 13.94 13.03
N ASN B 110 -20.08 12.68 13.32
CA ASN B 110 -20.10 12.18 14.73
C ASN B 110 -18.68 11.86 15.22
N LEU B 111 -17.67 11.75 14.35
CA LEU B 111 -16.29 11.48 14.86
C LEU B 111 -15.84 12.73 15.63
N ASP B 112 -14.78 12.56 16.39
CA ASP B 112 -14.03 13.67 17.03
C ASP B 112 -13.61 14.71 15.97
N LEU B 113 -13.84 16.00 16.24
CA LEU B 113 -13.57 17.10 15.27
C LEU B 113 -12.11 17.11 14.80
N ASN B 114 -11.17 16.83 15.70
CA ASN B 114 -9.72 16.77 15.36
C ASN B 114 -9.47 15.62 14.39
N ASP B 115 -10.12 14.47 14.58
CA ASP B 115 -9.96 13.29 13.67
C ASP B 115 -10.59 13.62 12.30
N GLN B 116 -11.75 14.29 12.28
CA GLN B 116 -12.39 14.77 11.04
C GLN B 116 -11.36 15.62 10.29
N VAL B 117 -10.71 16.55 11.00
CA VAL B 117 -9.70 17.46 10.41
C VAL B 117 -8.51 16.65 9.89
N THR B 118 -7.99 15.71 10.69
CA THR B 118 -6.81 14.88 10.32
C THR B 118 -7.14 14.00 9.11
N LEU B 119 -8.28 13.32 9.11
CA LEU B 119 -8.68 12.49 7.95
C LEU B 119 -8.62 13.34 6.67
N LEU B 120 -9.20 14.54 6.69
CA LEU B 120 -9.30 15.42 5.50
C LEU B 120 -7.92 15.95 5.13
N LYS B 121 -7.14 16.39 6.11
CA LYS B 121 -5.78 16.93 5.93
C LYS B 121 -4.94 15.96 5.09
N TYR B 122 -4.91 14.68 5.45
CA TYR B 122 -4.05 13.67 4.77
C TYR B 122 -4.75 13.08 3.54
N GLY B 123 -6.09 13.24 3.45
CA GLY B 123 -6.92 12.61 2.42
C GLY B 123 -7.07 13.48 1.18
N VAL B 124 -7.12 14.80 1.31
CA VAL B 124 -7.53 15.68 0.18
C VAL B 124 -6.58 15.51 -1.00
N HIS B 125 -5.28 15.30 -0.80
CA HIS B 125 -4.34 15.19 -1.94
C HIS B 125 -4.61 13.90 -2.73
N GLU B 126 -4.89 12.80 -2.03
CA GLU B 126 -5.19 11.50 -2.66
C GLU B 126 -6.47 11.65 -3.50
N ILE B 127 -7.48 12.33 -2.95
CA ILE B 127 -8.79 12.50 -3.62
C ILE B 127 -8.62 13.45 -4.81
N ILE B 128 -7.86 14.53 -4.65
CA ILE B 128 -7.64 15.49 -5.77
C ILE B 128 -7.09 14.73 -6.97
N TYR B 129 -6.02 13.93 -6.81
CA TYR B 129 -5.36 13.21 -7.94
C TYR B 129 -6.30 12.16 -8.51
N THR B 130 -7.13 11.52 -7.68
CA THR B 130 -8.14 10.54 -8.13
C THR B 130 -9.12 11.25 -9.09
N MET B 131 -9.65 12.39 -8.67
CA MET B 131 -10.71 13.09 -9.42
C MET B 131 -10.09 13.82 -10.62
N LEU B 132 -8.84 14.26 -10.52
CA LEU B 132 -8.09 14.89 -11.64
C LEU B 132 -7.99 13.92 -12.83
N ALA B 133 -7.85 12.61 -12.56
CA ALA B 133 -7.89 11.55 -13.60
C ALA B 133 -9.18 11.62 -14.42
N SER B 134 -10.33 11.85 -13.79
CA SER B 134 -11.65 12.05 -14.49
C SER B 134 -11.53 13.13 -15.58
N LEU B 135 -10.66 14.12 -15.39
CA LEU B 135 -10.50 15.32 -16.25
C LEU B 135 -9.40 15.09 -17.29
N MET B 136 -8.73 13.92 -17.29
CA MET B 136 -7.49 13.68 -18.07
C MET B 136 -7.68 12.59 -19.12
N ASN B 137 -7.02 12.73 -20.26
CA ASN B 137 -6.68 11.58 -21.15
C ASN B 137 -5.17 11.59 -21.35
N LYS B 138 -4.64 10.69 -22.17
CA LYS B 138 -3.17 10.54 -22.38
C LYS B 138 -2.56 11.86 -22.89
N ASP B 139 -3.38 12.74 -23.48
CA ASP B 139 -2.92 13.92 -24.26
C ASP B 139 -3.09 15.23 -23.47
N GLY B 140 -3.92 15.28 -22.43
CA GLY B 140 -4.08 16.52 -21.64
C GLY B 140 -5.15 16.45 -20.57
N VAL B 141 -5.47 17.61 -20.00
CA VAL B 141 -6.37 17.76 -18.83
C VAL B 141 -7.36 18.90 -19.10
N LEU B 142 -8.64 18.69 -18.81
CA LEU B 142 -9.65 19.78 -18.80
C LEU B 142 -9.30 20.76 -17.67
N ILE B 143 -9.47 22.05 -17.92
CA ILE B 143 -9.24 23.15 -16.93
C ILE B 143 -10.42 24.11 -16.96
N SER B 144 -10.43 25.05 -16.01
CA SER B 144 -11.46 26.10 -15.89
C SER B 144 -12.82 25.44 -16.08
N GLU B 145 -13.12 24.46 -15.23
CA GLU B 145 -14.37 23.68 -15.17
C GLU B 145 -14.83 23.32 -16.58
N GLY B 146 -13.92 22.75 -17.38
CA GLY B 146 -14.25 22.04 -18.63
C GLY B 146 -14.18 22.93 -19.86
N GLN B 147 -13.88 24.22 -19.68
CA GLN B 147 -13.89 25.24 -20.77
C GLN B 147 -12.55 25.26 -21.53
N GLY B 148 -11.45 24.94 -20.86
CA GLY B 148 -10.12 24.84 -21.51
C GLY B 148 -9.64 23.40 -21.52
N PHE B 149 -8.66 23.12 -22.38
CA PHE B 149 -7.88 21.85 -22.41
C PHE B 149 -6.40 22.20 -22.60
N MET B 150 -5.58 21.84 -21.61
CA MET B 150 -4.12 22.07 -21.59
C MET B 150 -3.44 20.75 -21.95
N THR B 151 -2.61 20.76 -22.99
CA THR B 151 -1.90 19.55 -23.46
C THR B 151 -0.82 19.16 -22.47
N ARG B 152 -0.56 17.87 -22.41
CA ARG B 152 0.47 17.25 -21.54
C ARG B 152 1.85 17.75 -21.99
N GLU B 153 2.10 17.76 -23.29
CA GLU B 153 3.40 18.23 -23.84
C GLU B 153 3.61 19.69 -23.44
N PHE B 154 2.59 20.55 -23.54
CA PHE B 154 2.73 21.97 -23.13
C PHE B 154 3.11 22.06 -21.65
N LEU B 155 2.42 21.34 -20.75
CA LEU B 155 2.76 21.34 -19.30
C LEU B 155 4.16 20.75 -19.08
N LYS B 156 4.51 19.68 -19.81
CA LYS B 156 5.86 19.06 -19.83
C LYS B 156 6.93 20.04 -20.37
N SER B 157 6.55 21.05 -21.17
CA SER B 157 7.49 22.03 -21.80
C SER B 157 7.84 23.16 -20.83
N LEU B 158 7.17 23.25 -19.69
CA LEU B 158 7.38 24.37 -18.74
C LEU B 158 8.77 24.22 -18.12
N ARG B 159 9.43 25.33 -17.79
CA ARG B 159 10.81 25.34 -17.24
C ARG B 159 10.83 24.57 -15.92
N LYS B 160 11.94 23.86 -15.64
CA LYS B 160 12.10 23.06 -14.39
C LYS B 160 12.02 24.01 -13.19
N PRO B 161 11.45 23.57 -12.04
CA PRO B 161 10.91 22.22 -11.87
C PRO B 161 9.42 22.06 -12.21
N PHE B 162 8.83 23.04 -12.94
CA PHE B 162 7.37 23.14 -13.20
C PHE B 162 6.96 22.25 -14.39
N GLY B 163 7.90 21.88 -15.24
CA GLY B 163 7.63 21.00 -16.39
C GLY B 163 7.26 19.59 -15.98
N ASP B 164 7.62 19.19 -14.76
CA ASP B 164 7.53 17.77 -14.32
C ASP B 164 6.58 17.69 -13.12
N PHE B 165 5.69 18.67 -12.94
CA PHE B 165 4.79 18.73 -11.75
C PHE B 165 3.49 17.95 -12.04
N MET B 166 3.02 17.91 -13.28
CA MET B 166 1.75 17.22 -13.67
C MET B 166 2.05 15.83 -14.26
N GLU B 167 3.26 15.59 -14.76
CA GLU B 167 3.61 14.35 -15.50
C GLU B 167 3.28 13.10 -14.67
N PRO B 168 3.64 13.01 -13.37
CA PRO B 168 3.25 11.86 -12.55
C PRO B 168 1.73 11.67 -12.42
N LYS B 169 0.96 12.76 -12.49
CA LYS B 169 -0.52 12.70 -12.37
C LYS B 169 -1.11 12.07 -13.65
N PHE B 170 -0.52 12.42 -14.79
CA PHE B 170 -0.85 11.87 -16.13
C PHE B 170 -0.56 10.37 -16.17
N GLU B 171 0.64 9.97 -15.73
CA GLU B 171 1.05 8.54 -15.61
C GLU B 171 0.01 7.79 -14.77
N PHE B 172 -0.31 8.31 -13.57
CA PHE B 172 -1.33 7.74 -12.66
C PHE B 172 -2.70 7.64 -13.38
N ALA B 173 -3.17 8.73 -14.00
CA ALA B 173 -4.52 8.84 -14.61
C ALA B 173 -4.67 7.82 -15.74
N VAL B 174 -3.66 7.65 -16.61
CA VAL B 174 -3.77 6.69 -17.75
C VAL B 174 -4.11 5.30 -17.19
N LYS B 175 -3.35 4.81 -16.19
CA LYS B 175 -3.54 3.49 -15.52
C LYS B 175 -4.85 3.46 -14.75
N PHE B 176 -5.19 4.54 -14.05
CA PHE B 176 -6.42 4.58 -13.21
C PHE B 176 -7.64 4.56 -14.15
N ASN B 177 -7.55 5.23 -15.30
CA ASN B 177 -8.70 5.44 -16.23
C ASN B 177 -8.98 4.12 -16.96
N ALA B 178 -7.97 3.23 -17.09
CA ALA B 178 -8.12 1.88 -17.67
C ALA B 178 -9.04 1.00 -16.80
N LEU B 179 -9.27 1.33 -15.52
CA LEU B 179 -10.22 0.60 -14.64
C LEU B 179 -11.67 0.92 -15.05
N GLU B 180 -11.91 2.04 -15.75
CA GLU B 180 -13.23 2.44 -16.30
C GLU B 180 -14.26 2.56 -15.18
N LEU B 181 -13.89 3.21 -14.08
CA LEU B 181 -14.85 3.49 -12.99
C LEU B 181 -15.81 4.59 -13.47
N ASP B 182 -17.01 4.62 -12.93
CA ASP B 182 -17.97 5.71 -13.22
C ASP B 182 -18.07 6.54 -11.95
N ASP B 183 -18.89 7.58 -11.98
CA ASP B 183 -19.08 8.52 -10.86
C ASP B 183 -19.64 7.77 -9.66
N SER B 184 -20.49 6.77 -9.89
CA SER B 184 -21.15 5.98 -8.82
C SER B 184 -20.07 5.14 -8.11
N ASP B 185 -19.09 4.62 -8.84
CA ASP B 185 -17.97 3.88 -8.22
C ASP B 185 -17.11 4.87 -7.43
N LEU B 186 -16.75 5.99 -8.05
CA LEU B 186 -15.78 6.94 -7.48
C LEU B 186 -16.31 7.49 -6.16
N ALA B 187 -17.60 7.76 -6.09
CA ALA B 187 -18.20 8.35 -4.89
C ALA B 187 -17.85 7.47 -3.67
N ILE B 188 -17.94 6.16 -3.79
CA ILE B 188 -17.68 5.27 -2.61
C ILE B 188 -16.18 5.19 -2.40
N PHE B 189 -15.40 5.05 -3.47
CA PHE B 189 -13.92 4.95 -3.40
C PHE B 189 -13.40 6.18 -2.67
N ILE B 190 -13.88 7.37 -3.01
CA ILE B 190 -13.45 8.65 -2.37
C ILE B 190 -13.79 8.59 -0.89
N ALA B 191 -14.95 8.06 -0.52
CA ALA B 191 -15.35 7.94 0.91
C ALA B 191 -14.40 6.99 1.65
N VAL B 192 -14.01 5.88 1.00
CA VAL B 192 -13.04 4.87 1.56
C VAL B 192 -11.71 5.57 1.89
N ILE B 193 -11.19 6.38 0.97
CA ILE B 193 -9.92 7.14 1.14
C ILE B 193 -10.03 8.04 2.37
N ILE B 194 -11.12 8.81 2.50
CA ILE B 194 -11.31 9.77 3.63
C ILE B 194 -11.23 8.99 4.94
N LEU B 195 -11.89 7.83 5.02
CA LEU B 195 -11.98 7.07 6.30
C LEU B 195 -10.84 6.05 6.43
N SER B 196 -9.59 6.54 6.30
CA SER B 196 -8.34 5.76 6.46
C SER B 196 -7.86 5.87 7.91
N GLY B 197 -7.91 4.76 8.65
CA GLY B 197 -7.61 4.71 10.08
C GLY B 197 -6.13 4.75 10.37
N ASP B 198 -5.30 4.73 9.31
CA ASP B 198 -3.80 4.73 9.41
C ASP B 198 -3.22 6.15 9.29
N ARG B 199 -4.03 7.22 9.22
CA ARG B 199 -3.47 8.59 9.19
C ARG B 199 -2.77 8.89 10.51
N PRO B 200 -1.61 9.57 10.47
CA PRO B 200 -0.89 9.96 11.69
C PRO B 200 -1.71 10.91 12.58
N GLY B 201 -1.60 10.71 13.89
CA GLY B 201 -2.19 11.61 14.91
C GLY B 201 -3.62 11.26 15.26
N LEU B 202 -4.25 10.35 14.52
CA LEU B 202 -5.68 10.03 14.77
C LEU B 202 -5.84 9.63 16.25
N LEU B 203 -6.89 10.17 16.89
CA LEU B 203 -7.22 9.91 18.31
C LEU B 203 -7.98 8.58 18.43
N ASN B 204 -9.04 8.37 17.64
CA ASN B 204 -9.99 7.24 17.82
C ASN B 204 -10.03 6.45 16.49
N VAL B 205 -9.17 5.44 16.34
CA VAL B 205 -8.98 4.70 15.05
C VAL B 205 -10.18 3.76 14.80
N LYS B 206 -10.63 3.03 15.80
CA LYS B 206 -11.70 2.01 15.67
C LYS B 206 -12.97 2.59 15.03
N PRO B 207 -13.58 3.68 15.54
CA PRO B 207 -14.80 4.22 14.92
C PRO B 207 -14.54 4.61 13.45
N ILE B 208 -13.32 5.02 13.12
CA ILE B 208 -12.98 5.35 11.71
C ILE B 208 -13.03 4.07 10.90
N GLU B 209 -12.36 3.02 11.37
CA GLU B 209 -12.28 1.70 10.71
C GLU B 209 -13.68 1.08 10.59
N ASP B 210 -14.55 1.29 11.58
CA ASP B 210 -15.94 0.76 11.57
C ASP B 210 -16.67 1.33 10.34
N ILE B 211 -16.54 2.65 10.12
CA ILE B 211 -17.20 3.33 8.99
C ILE B 211 -16.53 2.86 7.70
N GLN B 212 -15.19 2.78 7.66
CA GLN B 212 -14.51 2.39 6.40
C GLN B 212 -14.89 0.96 5.99
N ASP B 213 -15.15 0.07 6.95
CA ASP B 213 -15.50 -1.36 6.68
C ASP B 213 -16.85 -1.38 5.96
N ASN B 214 -17.79 -0.62 6.50
CA ASN B 214 -19.11 -0.44 5.87
C ASN B 214 -18.99 0.14 4.45
N LEU B 215 -18.13 1.13 4.23
CA LEU B 215 -17.90 1.75 2.90
C LEU B 215 -17.27 0.74 1.94
N LEU B 216 -16.29 -0.04 2.41
CA LEU B 216 -15.62 -1.09 1.61
C LEU B 216 -16.65 -2.15 1.24
N GLN B 217 -17.52 -2.58 2.14
CA GLN B 217 -18.58 -3.53 1.75
C GLN B 217 -19.47 -2.91 0.67
N ALA B 218 -19.82 -1.62 0.78
CA ALA B 218 -20.64 -0.94 -0.24
C ALA B 218 -19.88 -0.89 -1.58
N LEU B 219 -18.57 -0.64 -1.54
CA LEU B 219 -17.76 -0.51 -2.78
C LEU B 219 -17.67 -1.89 -3.47
N GLU B 220 -17.46 -2.96 -2.70
CA GLU B 220 -17.33 -4.34 -3.24
C GLU B 220 -18.63 -4.71 -3.95
N LEU B 221 -19.77 -4.60 -3.28
CA LEU B 221 -21.10 -4.88 -3.91
C LEU B 221 -21.29 -4.02 -5.17
N GLN B 222 -20.96 -2.73 -5.12
CA GLN B 222 -21.11 -1.77 -6.26
C GLN B 222 -20.31 -2.28 -7.47
N LEU B 223 -19.04 -2.62 -7.29
CA LEU B 223 -18.14 -3.02 -8.40
C LEU B 223 -18.57 -4.37 -8.96
N LYS B 224 -19.11 -5.26 -8.13
CA LYS B 224 -19.61 -6.58 -8.57
C LYS B 224 -20.86 -6.37 -9.45
N LEU B 225 -21.78 -5.50 -9.05
CA LEU B 225 -23.03 -5.23 -9.85
C LEU B 225 -22.72 -4.40 -11.10
N ASN B 226 -21.83 -3.42 -11.01
CA ASN B 226 -21.59 -2.43 -12.09
C ASN B 226 -20.50 -2.93 -13.03
N HIS B 227 -19.67 -3.90 -12.62
CA HIS B 227 -18.53 -4.39 -13.45
C HIS B 227 -18.42 -5.90 -13.28
N PRO B 228 -19.50 -6.65 -13.60
CA PRO B 228 -19.55 -8.09 -13.34
C PRO B 228 -18.44 -8.90 -14.01
N GLU B 229 -17.90 -8.39 -15.12
CA GLU B 229 -16.88 -9.03 -16.00
C GLU B 229 -15.44 -8.59 -15.66
N SER B 230 -15.26 -7.63 -14.76
CA SER B 230 -13.94 -7.04 -14.41
C SER B 230 -13.39 -7.78 -13.21
N SER B 231 -12.51 -8.77 -13.46
CA SER B 231 -11.98 -9.74 -12.46
C SER B 231 -11.22 -8.98 -11.37
N GLN B 232 -11.61 -9.17 -10.11
CA GLN B 232 -10.86 -8.60 -8.97
C GLN B 232 -10.69 -7.08 -9.21
N LEU B 233 -11.73 -6.38 -9.69
CA LEU B 233 -11.68 -4.91 -9.86
C LEU B 233 -11.55 -4.23 -8.49
N PHE B 234 -12.28 -4.72 -7.47
CA PHE B 234 -12.17 -4.29 -6.04
C PHE B 234 -10.69 -4.29 -5.63
N ALA B 235 -10.01 -5.44 -5.72
CA ALA B 235 -8.59 -5.55 -5.37
C ALA B 235 -7.76 -4.60 -6.23
N LYS B 236 -7.94 -4.57 -7.56
CA LYS B 236 -7.09 -3.71 -8.43
C LYS B 236 -7.31 -2.24 -8.02
N LEU B 237 -8.54 -1.85 -7.70
CA LEU B 237 -8.82 -0.45 -7.30
C LEU B 237 -8.09 -0.16 -5.98
N LEU B 238 -8.20 -1.03 -4.98
CA LEU B 238 -7.52 -0.83 -3.68
C LEU B 238 -6.00 -0.76 -3.88
N GLN B 239 -5.41 -1.55 -4.78
CA GLN B 239 -3.95 -1.52 -5.02
C GLN B 239 -3.54 -0.09 -5.42
N LYS B 240 -4.44 0.69 -6.04
CA LYS B 240 -4.13 2.05 -6.57
C LYS B 240 -3.83 3.05 -5.45
N MET B 241 -4.19 2.74 -4.21
CA MET B 241 -3.74 3.55 -3.04
C MET B 241 -2.22 3.70 -3.04
N THR B 242 -1.52 2.68 -3.53
CA THR B 242 -0.05 2.66 -3.66
C THR B 242 0.35 3.79 -4.60
N ASP B 243 -0.15 3.77 -5.84
CA ASP B 243 0.19 4.77 -6.88
C ASP B 243 -0.16 6.16 -6.33
N LEU B 244 -1.28 6.25 -5.60
CA LEU B 244 -1.85 7.52 -5.06
C LEU B 244 -0.89 8.08 -4.02
N ARG B 245 -0.52 7.26 -3.03
CA ARG B 245 0.38 7.68 -1.91
C ARG B 245 1.78 8.02 -2.41
N GLN B 246 2.23 7.40 -3.50
CA GLN B 246 3.52 7.73 -4.18
C GLN B 246 3.41 9.11 -4.83
N ILE B 247 2.31 9.36 -5.54
CA ILE B 247 2.02 10.70 -6.13
C ILE B 247 2.13 11.76 -5.04
N VAL B 248 1.48 11.54 -3.91
CA VAL B 248 1.37 12.56 -2.82
C VAL B 248 2.77 12.78 -2.24
N THR B 249 3.47 11.68 -1.94
CA THR B 249 4.91 11.71 -1.54
C THR B 249 5.73 12.54 -2.55
N GLU B 250 5.75 12.20 -3.84
CA GLU B 250 6.56 12.94 -4.84
C GLU B 250 6.12 14.40 -4.89
N HIS B 251 4.82 14.65 -4.88
CA HIS B 251 4.22 16.00 -4.95
C HIS B 251 4.74 16.85 -3.78
N VAL B 252 4.64 16.33 -2.55
CA VAL B 252 5.14 16.97 -1.29
C VAL B 252 6.67 17.18 -1.37
N GLN B 253 7.43 16.29 -2.03
CA GLN B 253 8.90 16.45 -2.24
C GLN B 253 9.11 17.66 -3.15
N LEU B 254 8.76 17.54 -4.43
CA LEU B 254 8.85 18.61 -5.47
C LEU B 254 8.44 19.96 -4.88
N LEU B 255 7.35 19.97 -4.09
CA LEU B 255 6.81 21.17 -3.39
C LEU B 255 7.74 21.59 -2.25
N GLN B 256 8.89 20.90 -2.06
CA GLN B 256 10.04 21.35 -1.23
C GLN B 256 11.10 21.97 -2.14
N VAL B 257 10.74 23.00 -2.90
CA VAL B 257 11.66 23.76 -3.81
C VAL B 257 11.13 25.19 -3.96
N GLY C 7 24.55 -6.98 -5.70
CA GLY C 7 24.63 -7.71 -4.39
C GLY C 7 23.40 -8.58 -4.19
N LEU C 8 22.24 -7.94 -4.08
CA LEU C 8 20.91 -8.58 -3.86
C LEU C 8 20.58 -9.47 -5.07
N GLU C 9 20.67 -8.90 -6.27
CA GLU C 9 20.51 -9.62 -7.56
C GLU C 9 21.41 -10.86 -7.60
N ALA C 10 22.67 -10.72 -7.19
CA ALA C 10 23.66 -11.81 -7.19
C ALA C 10 23.04 -13.01 -6.48
N ILE C 11 22.59 -12.82 -5.25
CA ILE C 11 22.03 -13.91 -4.39
C ILE C 11 20.77 -14.49 -5.03
N ILE C 12 19.83 -13.63 -5.46
CA ILE C 12 18.53 -14.07 -6.06
C ILE C 12 18.83 -14.97 -7.25
N ARG C 13 19.69 -14.52 -8.18
CA ARG C 13 20.00 -15.23 -9.44
C ARG C 13 20.55 -16.63 -9.12
N LYS C 14 21.52 -16.71 -8.22
CA LYS C 14 22.19 -17.99 -7.88
C LYS C 14 21.15 -18.88 -7.17
N ALA C 15 20.33 -18.32 -6.28
CA ALA C 15 19.25 -19.07 -5.59
C ALA C 15 18.22 -19.58 -6.61
N LEU C 16 17.96 -18.82 -7.68
CA LEU C 16 16.93 -19.16 -8.72
C LEU C 16 17.37 -20.36 -9.58
N MET C 17 18.68 -20.65 -9.66
CA MET C 17 19.22 -21.79 -10.44
C MET C 17 18.60 -23.10 -9.93
N GLY D 7 -2.80 25.91 7.62
CA GLY D 7 -3.09 26.53 6.27
C GLY D 7 -4.17 25.75 5.56
N LEU D 8 -3.87 24.50 5.21
CA LEU D 8 -4.86 23.49 4.76
C LEU D 8 -5.85 23.20 5.91
N GLU D 9 -5.35 23.03 7.12
CA GLU D 9 -6.16 22.79 8.35
C GLU D 9 -7.23 23.88 8.48
N ALA D 10 -6.83 25.13 8.31
CA ALA D 10 -7.70 26.32 8.41
C ALA D 10 -8.83 26.21 7.39
N ILE D 11 -8.47 25.98 6.12
CA ILE D 11 -9.47 25.82 5.02
C ILE D 11 -10.46 24.74 5.45
N ILE D 12 -9.97 23.61 5.96
CA ILE D 12 -10.78 22.42 6.36
C ILE D 12 -11.69 22.78 7.54
N ARG D 13 -11.17 23.45 8.57
CA ARG D 13 -11.99 23.85 9.75
C ARG D 13 -13.11 24.80 9.31
N LYS D 14 -12.81 25.77 8.46
CA LYS D 14 -13.80 26.77 7.95
C LYS D 14 -14.87 26.03 7.15
N ALA D 15 -14.48 25.21 6.18
CA ALA D 15 -15.42 24.41 5.36
C ALA D 15 -16.29 23.54 6.28
N LEU D 16 -15.69 22.83 7.27
CA LEU D 16 -16.41 21.94 8.23
C LEU D 16 -17.45 22.73 9.03
N MET D 17 -17.03 23.75 9.80
CA MET D 17 -17.94 24.58 10.63
C MET D 17 -18.90 25.36 9.72
N GLY D 18 -18.53 25.57 8.44
CA GLY D 18 -19.37 26.13 7.36
C GLY D 18 -20.82 26.32 7.76
#